data_5U9J
#
_entry.id   5U9J
#
_cell.length_a   69.340
_cell.length_b   51.170
_cell.length_c   106.970
_cell.angle_alpha   90.00
_cell.angle_beta   93.09
_cell.angle_gamma   90.00
#
_symmetry.space_group_name_H-M   'C 1 2 1'
#
loop_
_entity.id
_entity.type
_entity.pdbx_description
1 polymer 'Aryl hydrocarbon receptor-interacting protein-like 1 (AIPL1)'
2 non-polymer 'GERAN-8-YL GERAN'
3 non-polymer 'ISOPROPYL ALCOHOL'
4 non-polymer 'SODIUM ION'
5 water water
#
_entity_poly.entity_id   1
_entity_poly.type   'polypeptide(L)'
_entity_poly.pdbx_seq_one_letter_code
;MGHHHHHHGDAALLLNVEGVKKTILHGGTGELPNFITGSRVIFHFRTMKCDEERTVIDDSRQVGQPMHIIIGNMFKLEVW
EILLTSMRVHEVAEFWCDTIHTGVYPILSRSLRQMAQGKDPTEWHVHTCGLANMFAYHTLGYEDLDELQKEPQPLVFVIE
LLQVDAPSD
;
_entity_poly.pdbx_strand_id   A,B
#
# COMPACT_ATOMS: atom_id res chain seq x y z
N ASN A 16 9.67 -10.66 20.22
CA ASN A 16 10.27 -11.34 19.07
C ASN A 16 10.01 -12.87 19.05
N VAL A 17 9.59 -13.39 17.91
CA VAL A 17 9.32 -14.81 17.72
C VAL A 17 10.26 -15.33 16.63
N GLU A 18 10.61 -16.61 16.71
CA GLU A 18 11.44 -17.17 15.65
C GLU A 18 10.66 -17.20 14.35
N GLY A 19 11.40 -17.08 13.24
CA GLY A 19 10.81 -17.10 11.91
C GLY A 19 10.10 -15.82 11.50
N VAL A 20 10.29 -14.72 12.23
CA VAL A 20 9.58 -13.47 11.94
C VAL A 20 10.51 -12.27 12.08
N LYS A 21 10.75 -11.59 10.99
CA LYS A 21 11.52 -10.34 10.99
C LYS A 21 10.56 -9.16 10.91
N LYS A 22 10.63 -8.28 11.90
CA LYS A 22 9.88 -7.03 11.93
C LYS A 22 10.77 -5.88 11.43
N THR A 23 10.26 -5.12 10.46
CA THR A 23 10.87 -3.88 10.03
C THR A 23 9.85 -2.77 10.14
N ILE A 24 10.26 -1.65 10.74
CA ILE A 24 9.39 -0.48 10.86
C ILE A 24 9.65 0.49 9.68
N LEU A 25 8.61 0.83 8.92
CA LEU A 25 8.72 1.81 7.81
C LEU A 25 8.24 3.21 8.18
N HIS A 26 7.29 3.30 9.09
CA HIS A 26 6.88 4.57 9.68
C HIS A 26 6.68 4.34 11.17
N GLY A 27 7.45 5.09 11.96
CA GLY A 27 7.39 4.94 13.40
C GLY A 27 6.09 5.45 13.97
N GLY A 28 5.60 4.78 15.00
CA GLY A 28 4.35 5.15 15.60
C GLY A 28 4.51 6.29 16.57
N THR A 29 3.38 6.70 17.13
CA THR A 29 3.31 7.85 18.01
C THR A 29 2.76 7.40 19.35
N GLY A 30 3.41 7.82 20.45
CA GLY A 30 2.87 7.57 21.76
C GLY A 30 3.43 6.30 22.37
N GLU A 31 2.98 6.03 23.59
CA GLU A 31 3.40 4.82 24.27
C GLU A 31 2.67 3.61 23.70
N LEU A 32 3.13 2.44 24.08
CA LEU A 32 2.51 1.23 23.57
C LEU A 32 1.01 1.25 23.87
N PRO A 33 0.15 1.05 22.86
CA PRO A 33 -1.29 0.93 23.14
C PRO A 33 -1.54 -0.05 24.28
N ASN A 34 -2.69 0.02 24.94
CA ASN A 34 -3.03 -0.94 26.00
C ASN A 34 -3.74 -2.14 25.39
N PHE A 35 -3.00 -3.23 25.25
CA PHE A 35 -3.39 -4.38 24.43
C PHE A 35 -4.00 -5.50 25.28
N ILE A 36 -4.93 -5.08 26.11
CA ILE A 36 -5.57 -5.98 27.07
C ILE A 36 -6.69 -6.76 26.41
N THR A 37 -6.99 -7.91 27.03
CA THR A 37 -8.09 -8.74 26.63
C THR A 37 -9.33 -7.93 26.37
N GLY A 38 -9.88 -8.10 25.17
CA GLY A 38 -11.11 -7.44 24.77
C GLY A 38 -10.92 -6.13 24.04
N SER A 39 -9.75 -5.52 24.12
CA SER A 39 -9.52 -4.31 23.37
C SER A 39 -9.58 -4.61 21.88
N ARG A 40 -10.02 -3.63 21.12
CA ARG A 40 -10.21 -3.77 19.68
C ARG A 40 -9.15 -2.98 18.92
N VAL A 41 -8.53 -3.66 17.96
CA VAL A 41 -7.45 -3.13 17.13
C VAL A 41 -7.97 -2.92 15.71
N ILE A 42 -7.84 -1.68 15.22
CA ILE A 42 -8.23 -1.28 13.86
C ILE A 42 -6.97 -1.06 13.08
N PHE A 43 -6.87 -1.72 11.93
CA PHE A 43 -5.61 -1.67 11.22
C PHE A 43 -5.85 -1.94 9.75
N HIS A 44 -4.91 -1.49 8.95
CA HIS A 44 -4.83 -1.89 7.56
C HIS A 44 -3.67 -2.85 7.37
N PHE A 45 -3.77 -3.67 6.33
CA PHE A 45 -2.72 -4.64 6.09
C PHE A 45 -2.64 -4.92 4.61
N ARG A 46 -1.46 -5.38 4.20
CA ARG A 46 -1.21 -5.85 2.86
C ARG A 46 -0.36 -7.08 3.00
N THR A 47 -0.71 -8.12 2.25
CA THR A 47 0.02 -9.39 2.26
C THR A 47 0.64 -9.68 0.89
N MET A 48 1.91 -10.08 0.88
CA MET A 48 2.67 -10.26 -0.33
C MET A 48 3.56 -11.48 -0.30
N LYS A 49 3.61 -12.15 -1.44
CA LYS A 49 4.65 -13.12 -1.69
C LYS A 49 6.03 -12.46 -1.63
N CYS A 50 7.04 -13.31 -1.63
CA CYS A 50 8.43 -12.90 -1.54
C CYS A 50 9.11 -13.08 -2.86
N ASP A 51 8.33 -13.32 -3.92
CA ASP A 51 8.82 -13.39 -5.29
C ASP A 51 9.41 -12.07 -5.75
N GLU A 52 9.82 -12.04 -7.02
CA GLU A 52 10.47 -10.83 -7.53
C GLU A 52 9.49 -9.67 -7.59
N GLU A 53 8.21 -9.94 -7.92
CA GLU A 53 7.18 -8.92 -8.06
C GLU A 53 6.50 -8.52 -6.74
N ARG A 54 6.77 -9.23 -5.65
CA ARG A 54 6.04 -9.06 -4.39
C ARG A 54 4.54 -9.02 -4.66
N THR A 55 4.08 -10.04 -5.38
CA THR A 55 2.69 -10.19 -5.71
C THR A 55 1.83 -10.01 -4.46
N VAL A 56 0.88 -9.08 -4.54
CA VAL A 56 -0.03 -8.82 -3.44
C VAL A 56 -1.05 -9.92 -3.42
N ILE A 57 -1.28 -10.48 -2.24
CA ILE A 57 -2.36 -11.45 -2.01
C ILE A 57 -3.61 -10.77 -1.49
N ASP A 58 -3.49 -9.98 -0.44
CA ASP A 58 -4.63 -9.22 0.03
C ASP A 58 -4.20 -7.80 0.36
N ASP A 59 -5.11 -6.87 0.17
CA ASP A 59 -4.83 -5.50 0.53
C ASP A 59 -6.11 -4.87 1.03
N SER A 60 -6.17 -4.65 2.34
CA SER A 60 -7.32 -4.03 2.99
C SER A 60 -7.70 -2.67 2.38
N ARG A 61 -6.71 -1.84 2.10
CA ARG A 61 -7.05 -0.53 1.52
C ARG A 61 -7.76 -0.70 0.20
N GLN A 62 -7.20 -1.56 -0.67
CA GLN A 62 -7.80 -1.76 -1.99
C GLN A 62 -9.26 -2.17 -1.87
N VAL A 63 -9.53 -3.22 -1.11
CA VAL A 63 -10.90 -3.72 -1.03
C VAL A 63 -11.81 -2.69 -0.38
N GLY A 64 -11.32 -1.96 0.61
CA GLY A 64 -12.21 -1.10 1.36
C GLY A 64 -11.73 -0.64 2.73
N GLN A 65 -12.53 -0.92 3.75
CA GLN A 65 -12.35 -0.39 5.09
C GLN A 65 -11.31 -1.20 5.88
N PRO A 66 -10.79 -0.62 6.97
CA PRO A 66 -9.75 -1.30 7.75
C PRO A 66 -10.31 -2.50 8.50
N MET A 67 -9.45 -3.48 8.76
CA MET A 67 -9.81 -4.60 9.64
C MET A 67 -10.02 -4.13 11.07
N HIS A 68 -10.76 -4.93 11.82
CA HIS A 68 -10.99 -4.63 13.23
C HIS A 68 -11.13 -5.97 13.94
N ILE A 69 -10.18 -6.27 14.82
CA ILE A 69 -10.16 -7.53 15.56
C ILE A 69 -10.27 -7.19 17.05
N ILE A 70 -10.67 -8.18 17.83
CA ILE A 70 -10.68 -8.08 19.29
C ILE A 70 -9.66 -9.06 19.83
N ILE A 71 -8.77 -8.57 20.70
CA ILE A 71 -7.85 -9.49 21.35
C ILE A 71 -8.68 -10.44 22.24
N GLY A 72 -8.73 -11.71 21.85
CA GLY A 72 -9.51 -12.68 22.60
C GLY A 72 -8.97 -12.86 23.99
N ASN A 73 -7.65 -12.97 24.11
CA ASN A 73 -7.03 -13.18 25.41
C ASN A 73 -5.60 -12.65 25.39
N MET A 74 -5.34 -11.57 26.12
CA MET A 74 -3.97 -11.03 26.20
C MET A 74 -2.95 -12.06 26.66
N PHE A 75 -3.39 -13.11 27.39
CA PHE A 75 -2.48 -14.14 27.88
C PHE A 75 -2.28 -15.31 26.92
N LYS A 76 -2.99 -15.32 25.79
CA LYS A 76 -2.80 -16.38 24.79
C LYS A 76 -3.16 -15.76 23.44
N LEU A 77 -2.14 -15.18 22.80
CA LEU A 77 -2.33 -14.34 21.63
C LEU A 77 -2.40 -15.18 20.35
N GLU A 78 -3.32 -14.82 19.45
CA GLU A 78 -3.28 -15.34 18.09
C GLU A 78 -2.00 -14.82 17.41
N VAL A 79 -1.61 -15.48 16.32
CA VAL A 79 -0.37 -15.11 15.64
C VAL A 79 -0.46 -13.66 15.14
N TRP A 80 -1.56 -13.28 14.49
CA TRP A 80 -1.69 -11.89 14.08
C TRP A 80 -1.72 -10.95 15.29
N GLU A 81 -2.10 -11.45 16.46
CA GLU A 81 -2.06 -10.58 17.61
C GLU A 81 -0.64 -10.35 18.07
N ILE A 82 0.21 -11.39 17.95
CA ILE A 82 1.64 -11.25 18.23
C ILE A 82 2.19 -10.10 17.41
N LEU A 83 1.76 -10.00 16.16
CA LEU A 83 2.21 -8.91 15.31
C LEU A 83 1.67 -7.58 15.79
N LEU A 84 0.35 -7.50 15.94
CA LEU A 84 -0.29 -6.22 16.22
C LEU A 84 0.21 -5.63 17.53
N THR A 85 0.32 -6.45 18.58
CA THR A 85 0.62 -5.99 19.93
C THR A 85 2.06 -5.55 20.09
N SER A 86 2.89 -5.73 19.08
CA SER A 86 4.19 -5.09 19.04
C SER A 86 4.13 -3.65 18.48
N MET A 87 2.95 -3.14 18.10
CA MET A 87 2.85 -1.92 17.29
C MET A 87 2.26 -0.74 18.05
N ARG A 88 2.65 0.46 17.61
CA ARG A 88 2.07 1.68 18.13
C ARG A 88 1.13 2.31 17.11
N VAL A 89 0.22 3.13 17.63
CA VAL A 89 -0.70 3.85 16.76
C VAL A 89 0.09 4.65 15.72
N HIS A 90 -0.36 4.57 14.47
CA HIS A 90 0.21 5.10 13.23
C HIS A 90 1.42 4.31 12.74
N GLU A 91 1.94 3.35 13.51
CA GLU A 91 3.12 2.62 13.04
C GLU A 91 2.74 1.90 11.76
N VAL A 92 3.69 1.79 10.85
CA VAL A 92 3.59 0.91 9.69
C VAL A 92 4.80 0.00 9.74
N ALA A 93 4.58 -1.30 9.81
CA ALA A 93 5.70 -2.22 9.88
C ALA A 93 5.51 -3.34 8.88
N GLU A 94 6.62 -3.84 8.42
CA GLU A 94 6.66 -4.99 7.54
C GLU A 94 7.15 -6.19 8.34
N PHE A 95 6.41 -7.29 8.30
CA PHE A 95 6.75 -8.54 8.99
C PHE A 95 6.91 -9.67 7.99
N TRP A 96 8.16 -10.09 7.78
CA TRP A 96 8.47 -11.27 6.99
C TRP A 96 8.25 -12.48 7.90
N CYS A 97 7.53 -13.47 7.42
CA CYS A 97 7.19 -14.63 8.26
C CYS A 97 7.54 -15.89 7.47
N ASP A 98 8.31 -16.78 8.08
CA ASP A 98 8.72 -17.94 7.30
C ASP A 98 7.55 -18.87 7.06
N THR A 99 7.79 -19.84 6.14
CA THR A 99 6.80 -20.84 5.76
C THR A 99 6.14 -21.48 6.96
N ILE A 100 6.83 -21.56 8.08
CA ILE A 100 6.23 -22.26 9.20
C ILE A 100 5.03 -21.50 9.74
N HIS A 101 5.06 -20.19 9.68
CA HIS A 101 3.97 -19.39 10.23
C HIS A 101 2.80 -19.14 9.29
N THR A 102 2.93 -19.43 7.99
CA THR A 102 2.00 -18.96 6.98
C THR A 102 1.11 -20.01 6.36
N GLY A 103 1.25 -21.28 6.73
CA GLY A 103 0.42 -22.30 6.11
C GLY A 103 -1.04 -22.03 6.36
N VAL A 104 -1.34 -21.38 7.49
CA VAL A 104 -2.69 -20.98 7.87
C VAL A 104 -3.20 -19.79 7.09
N TYR A 105 -2.35 -19.06 6.39
CA TYR A 105 -2.86 -17.79 5.87
C TYR A 105 -3.96 -17.98 4.82
N PRO A 106 -3.89 -19.00 3.94
CA PRO A 106 -4.92 -19.11 2.89
C PRO A 106 -6.35 -19.29 3.37
N ILE A 107 -6.56 -20.16 4.35
CA ILE A 107 -7.89 -20.34 4.93
C ILE A 107 -8.30 -19.10 5.70
N LEU A 108 -7.37 -18.50 6.45
CA LEU A 108 -7.64 -17.20 7.08
C LEU A 108 -8.03 -16.14 6.04
N SER A 109 -7.29 -16.05 4.93
CA SER A 109 -7.71 -15.11 3.89
C SER A 109 -9.06 -15.54 3.32
N ARG A 110 -9.26 -16.84 3.16
CA ARG A 110 -10.55 -17.28 2.66
C ARG A 110 -11.64 -16.63 3.47
N SER A 111 -11.50 -16.67 4.79
CA SER A 111 -12.62 -16.29 5.63
C SER A 111 -12.80 -14.77 5.63
N LEU A 112 -11.71 -14.02 5.63
CA LEU A 112 -11.82 -12.57 5.47
C LEU A 112 -12.51 -12.23 4.15
N ARG A 113 -12.15 -12.93 3.09
CA ARG A 113 -12.72 -12.59 1.80
C ARG A 113 -14.21 -12.84 1.75
N GLN A 114 -14.71 -13.83 2.49
CA GLN A 114 -16.13 -14.09 2.45
C GLN A 114 -16.88 -13.08 3.30
N MET A 115 -16.29 -12.67 4.42
CA MET A 115 -16.93 -11.62 5.20
C MET A 115 -16.97 -10.30 4.43
N ALA A 116 -15.89 -9.97 3.70
CA ALA A 116 -15.95 -8.85 2.77
C ALA A 116 -17.19 -8.94 1.88
N GLN A 117 -17.44 -10.12 1.32
CA GLN A 117 -18.66 -10.32 0.57
C GLN A 117 -19.79 -10.29 1.58
N GLY A 118 -20.98 -10.70 1.18
CA GLY A 118 -22.04 -10.71 2.13
C GLY A 118 -22.15 -11.98 2.96
N LYS A 119 -21.15 -12.87 2.90
CA LYS A 119 -21.28 -14.22 3.43
C LYS A 119 -20.63 -14.39 4.81
N ASP A 120 -21.33 -15.13 5.69
CA ASP A 120 -20.88 -15.43 7.04
C ASP A 120 -20.21 -16.80 7.06
N PRO A 121 -18.87 -16.90 6.98
CA PRO A 121 -18.21 -18.21 6.86
C PRO A 121 -18.59 -19.18 7.97
N THR A 122 -19.20 -18.70 9.05
CA THR A 122 -19.65 -19.55 10.14
C THR A 122 -21.10 -19.97 10.00
N GLU A 123 -21.86 -19.38 9.08
CA GLU A 123 -23.22 -19.84 8.82
C GLU A 123 -23.18 -21.24 8.23
N TRP A 124 -24.20 -22.04 8.53
CA TRP A 124 -24.10 -23.47 8.25
C TRP A 124 -24.06 -23.76 6.74
N HIS A 125 -24.87 -23.08 5.93
CA HIS A 125 -24.86 -23.39 4.50
C HIS A 125 -23.56 -22.96 3.83
N VAL A 126 -23.00 -21.83 4.27
CA VAL A 126 -21.70 -21.38 3.76
C VAL A 126 -20.63 -22.39 4.11
N HIS A 127 -20.61 -22.84 5.35
CA HIS A 127 -19.51 -23.70 5.78
C HIS A 127 -19.67 -25.07 5.14
N THR A 128 -20.89 -25.54 4.98
CA THR A 128 -21.07 -26.80 4.28
C THR A 128 -20.55 -26.73 2.84
N CYS A 129 -20.98 -25.71 2.09
CA CYS A 129 -20.50 -25.54 0.71
C CYS A 129 -18.97 -25.47 0.64
N GLY A 130 -18.34 -24.77 1.58
CA GLY A 130 -16.88 -24.72 1.64
C GLY A 130 -16.24 -26.09 1.81
N LEU A 131 -16.70 -26.87 2.80
CA LEU A 131 -16.18 -28.23 2.98
C LEU A 131 -16.48 -29.10 1.76
N ALA A 132 -17.68 -28.99 1.21
CA ALA A 132 -18.03 -29.79 0.04
C ALA A 132 -17.12 -29.47 -1.14
N ASN A 133 -16.99 -28.17 -1.50
CA ASN A 133 -16.12 -27.83 -2.61
C ASN A 133 -14.68 -28.19 -2.30
N MET A 134 -14.28 -28.04 -1.05
CA MET A 134 -12.93 -28.45 -0.70
C MET A 134 -12.74 -29.97 -0.88
N PHE A 135 -13.70 -30.79 -0.46
CA PHE A 135 -13.52 -32.23 -0.71
C PHE A 135 -13.66 -32.59 -2.19
N ALA A 136 -14.71 -32.08 -2.84
CA ALA A 136 -14.95 -32.37 -4.25
C ALA A 136 -13.82 -31.88 -5.13
N TYR A 137 -13.31 -30.68 -4.87
CA TYR A 137 -12.48 -29.97 -5.82
C TYR A 137 -11.14 -29.54 -5.26
N HIS A 138 -10.89 -29.76 -3.97
CA HIS A 138 -9.61 -29.45 -3.33
C HIS A 138 -9.29 -27.96 -3.45
N THR A 139 -10.28 -27.10 -3.15
CA THR A 139 -10.20 -25.68 -3.44
C THR A 139 -10.77 -24.87 -2.28
N LEU A 140 -10.20 -23.68 -2.10
CA LEU A 140 -10.72 -22.68 -1.15
C LEU A 140 -11.59 -21.65 -1.83
N GLY A 141 -11.76 -21.74 -3.13
CA GLY A 141 -12.64 -20.87 -3.87
C GLY A 141 -11.91 -19.78 -4.61
N TYR A 142 -10.58 -19.82 -4.61
CA TYR A 142 -9.77 -18.69 -5.02
C TYR A 142 -8.44 -19.24 -5.54
N GLU A 143 -8.13 -18.94 -6.79
CA GLU A 143 -6.92 -19.48 -7.39
C GLU A 143 -5.68 -19.03 -6.65
N ASP A 144 -5.60 -17.77 -6.27
CA ASP A 144 -4.35 -17.34 -5.66
C ASP A 144 -4.15 -18.07 -4.33
N LEU A 145 -5.19 -18.16 -3.50
CA LEU A 145 -4.97 -18.83 -2.22
C LEU A 145 -4.68 -20.32 -2.43
N ASP A 146 -5.32 -20.95 -3.40
CA ASP A 146 -5.03 -22.35 -3.73
C ASP A 146 -3.58 -22.55 -4.12
N GLU A 147 -3.05 -21.69 -4.98
CA GLU A 147 -1.65 -21.78 -5.35
C GLU A 147 -0.75 -21.53 -4.15
N LEU A 148 -1.20 -20.68 -3.24
CA LEU A 148 -0.41 -20.44 -2.02
C LEU A 148 -0.41 -21.66 -1.11
N GLN A 149 -1.53 -22.36 -1.03
CA GLN A 149 -1.59 -23.54 -0.17
C GLN A 149 -0.86 -24.73 -0.80
N LYS A 150 -0.94 -24.87 -2.12
CA LYS A 150 -0.21 -25.91 -2.81
C LYS A 150 1.30 -25.65 -2.84
N GLU A 151 1.75 -24.42 -2.59
CA GLU A 151 3.18 -24.08 -2.53
C GLU A 151 3.48 -23.32 -1.23
N PRO A 152 3.70 -24.03 -0.12
CA PRO A 152 4.06 -23.33 1.12
C PRO A 152 5.31 -22.48 0.96
N GLN A 153 5.28 -21.29 1.58
CA GLN A 153 6.37 -20.35 1.37
C GLN A 153 6.26 -19.18 2.33
N PRO A 154 7.29 -18.36 2.41
CA PRO A 154 7.20 -17.13 3.20
C PRO A 154 6.23 -16.12 2.61
N LEU A 155 5.75 -15.26 3.49
CA LEU A 155 4.97 -14.07 3.17
C LEU A 155 5.50 -12.88 3.92
N VAL A 156 5.26 -11.68 3.38
CA VAL A 156 5.41 -10.45 4.13
C VAL A 156 4.03 -9.87 4.36
N PHE A 157 3.81 -9.37 5.56
CA PHE A 157 2.62 -8.64 5.91
C PHE A 157 3.05 -7.23 6.24
N VAL A 158 2.50 -6.26 5.53
CA VAL A 158 2.67 -4.88 5.96
C VAL A 158 1.38 -4.50 6.65
N ILE A 159 1.51 -4.02 7.86
CA ILE A 159 0.38 -3.67 8.71
C ILE A 159 0.55 -2.23 9.12
N GLU A 160 -0.57 -1.50 9.10
CA GLU A 160 -0.63 -0.10 9.52
C GLU A 160 -1.64 0.01 10.65
N LEU A 161 -1.15 0.25 11.85
CA LEU A 161 -2.04 0.27 13.00
C LEU A 161 -2.68 1.64 13.15
N LEU A 162 -4.01 1.67 13.20
CA LEU A 162 -4.74 2.93 13.21
C LEU A 162 -5.33 3.33 14.55
N GLN A 163 -5.73 2.39 15.39
CA GLN A 163 -6.45 2.78 16.58
C GLN A 163 -6.66 1.55 17.45
N VAL A 164 -6.45 1.73 18.76
CA VAL A 164 -6.76 0.70 19.74
C VAL A 164 -7.81 1.27 20.68
N ASP A 165 -8.93 0.57 20.78
CA ASP A 165 -10.04 0.98 21.64
C ASP A 165 -10.09 0.06 22.84
N ALA A 166 -10.18 0.66 24.03
CA ALA A 166 -10.42 -0.10 25.26
C ALA A 166 -11.76 -0.86 25.18
N PRO A 167 -11.93 -1.93 25.97
CA PRO A 167 -13.19 -2.70 25.96
C PRO A 167 -14.39 -1.90 26.48
N ASN B 16 20.41 18.04 -2.41
CA ASN B 16 19.24 18.35 -1.59
C ASN B 16 18.78 19.77 -1.92
N VAL B 17 17.46 19.92 -2.11
CA VAL B 17 16.82 21.16 -2.53
C VAL B 17 15.87 21.65 -1.45
N GLU B 18 15.60 22.96 -1.47
CA GLU B 18 14.70 23.56 -0.49
C GLU B 18 13.29 23.00 -0.61
N GLY B 19 12.63 22.86 0.55
CA GLY B 19 11.27 22.35 0.63
C GLY B 19 11.10 20.87 0.47
N VAL B 20 12.20 20.09 0.55
CA VAL B 20 12.11 18.65 0.35
C VAL B 20 13.01 17.94 1.34
N LYS B 21 12.41 17.21 2.29
CA LYS B 21 13.15 16.36 3.20
C LYS B 21 13.01 14.91 2.74
N LYS B 22 14.15 14.30 2.41
CA LYS B 22 14.25 12.89 2.06
C LYS B 22 14.71 12.11 3.30
N THR B 23 14.02 11.00 3.58
CA THR B 23 14.43 10.02 4.57
C THR B 23 14.41 8.65 3.90
N ILE B 24 15.43 7.82 4.18
CA ILE B 24 15.47 6.46 3.64
C ILE B 24 14.90 5.51 4.69
N LEU B 25 13.87 4.77 4.30
CA LEU B 25 13.23 3.78 5.18
C LEU B 25 13.76 2.36 4.97
N HIS B 26 14.19 2.05 3.74
CA HIS B 26 14.89 0.81 3.41
C HIS B 26 16.01 1.13 2.43
N GLY B 27 17.24 0.86 2.86
CA GLY B 27 18.39 1.14 2.02
C GLY B 27 18.37 0.25 0.80
N GLY B 28 18.81 0.81 -0.32
CA GLY B 28 18.83 0.11 -1.58
C GLY B 28 20.10 -0.69 -1.79
N THR B 29 20.20 -1.30 -2.95
CA THR B 29 21.32 -2.15 -3.34
C THR B 29 21.95 -1.67 -4.65
N GLY B 30 23.27 -1.66 -4.69
CA GLY B 30 24.02 -1.38 -5.89
C GLY B 30 24.45 0.07 -5.97
N GLU B 31 25.17 0.38 -7.05
CA GLU B 31 25.56 1.76 -7.25
C GLU B 31 24.35 2.53 -7.79
N LEU B 32 24.48 3.85 -7.77
CA LEU B 32 23.41 4.69 -8.26
C LEU B 32 23.07 4.30 -9.70
N PRO B 33 21.79 4.07 -10.02
CA PRO B 33 21.39 3.75 -11.40
C PRO B 33 21.96 4.71 -12.43
N ASN B 34 21.95 4.37 -13.73
CA ASN B 34 22.37 5.31 -14.78
C ASN B 34 21.15 6.08 -15.27
N PHE B 35 21.03 7.32 -14.85
CA PHE B 35 19.79 8.08 -14.99
C PHE B 35 19.86 9.04 -16.16
N ILE B 36 20.28 8.49 -17.28
CA ILE B 36 20.51 9.30 -18.46
C ILE B 36 19.20 9.50 -19.19
N THR B 37 19.19 10.53 -20.01
CA THR B 37 18.07 10.82 -20.88
C THR B 37 17.61 9.57 -21.57
N GLY B 38 16.32 9.22 -21.42
CA GLY B 38 15.71 8.07 -22.05
C GLY B 38 15.68 6.80 -21.22
N SER B 39 16.43 6.70 -20.15
CA SER B 39 16.33 5.49 -19.33
C SER B 39 14.91 5.36 -18.78
N ARG B 40 14.46 4.13 -18.59
CA ARG B 40 13.11 3.88 -18.08
C ARG B 40 13.20 3.51 -16.59
N VAL B 41 12.48 4.28 -15.77
CA VAL B 41 12.47 4.12 -14.33
C VAL B 41 11.12 3.51 -13.96
N ILE B 42 11.14 2.37 -13.29
CA ILE B 42 9.94 1.64 -12.85
C ILE B 42 9.86 1.73 -11.35
N PHE B 43 8.72 2.18 -10.83
CA PHE B 43 8.65 2.42 -9.39
C PHE B 43 7.21 2.31 -8.88
N HIS B 44 7.10 2.09 -7.59
CA HIS B 44 5.87 2.28 -6.87
C HIS B 44 5.95 3.54 -6.04
N PHE B 45 4.79 4.09 -5.74
CA PHE B 45 4.78 5.30 -4.96
C PHE B 45 3.49 5.32 -4.19
N ARG B 46 3.53 6.05 -3.08
CA ARG B 46 2.36 6.27 -2.27
C ARG B 46 2.37 7.72 -1.82
N THR B 47 1.23 8.40 -1.96
CA THR B 47 1.08 9.81 -1.60
C THR B 47 0.15 9.98 -0.40
N MET B 48 0.60 10.74 0.58
CA MET B 48 -0.17 10.92 1.78
C MET B 48 -0.15 12.36 2.23
N LYS B 49 -1.32 12.81 2.70
CA LYS B 49 -1.43 14.04 3.47
C LYS B 49 -0.58 13.94 4.73
N CYS B 50 -0.41 15.10 5.38
CA CYS B 50 0.44 15.29 6.55
C CYS B 50 -0.42 15.48 7.78
N ASP B 51 -1.69 15.13 7.68
CA ASP B 51 -2.62 15.03 8.80
C ASP B 51 -2.23 13.91 9.77
N GLU B 52 -3.05 13.67 10.80
CA GLU B 52 -2.63 12.73 11.84
C GLU B 52 -2.61 11.30 11.34
N GLU B 53 -3.53 10.94 10.46
CA GLU B 53 -3.64 9.58 9.93
C GLU B 53 -2.76 9.34 8.72
N ARG B 54 -2.07 10.34 8.18
CA ARG B 54 -1.36 10.19 6.91
C ARG B 54 -2.26 9.58 5.85
N THR B 55 -3.42 10.23 5.69
CA THR B 55 -4.42 9.83 4.70
C THR B 55 -3.76 9.56 3.36
N VAL B 56 -4.02 8.38 2.82
CA VAL B 56 -3.52 8.01 1.52
C VAL B 56 -4.35 8.69 0.45
N ILE B 57 -3.68 9.32 -0.48
CA ILE B 57 -4.31 9.89 -1.67
C ILE B 57 -4.22 8.94 -2.83
N ASP B 58 -3.00 8.45 -3.10
CA ASP B 58 -2.78 7.48 -4.15
C ASP B 58 -1.77 6.45 -3.67
N ASP B 59 -1.97 5.22 -4.13
CA ASP B 59 -1.05 4.15 -3.78
C ASP B 59 -0.99 3.22 -4.98
N SER B 60 0.12 3.31 -5.70
CA SER B 60 0.39 2.45 -6.83
C SER B 60 0.27 0.99 -6.50
N ARG B 61 0.87 0.57 -5.38
CA ARG B 61 0.81 -0.84 -5.04
C ARG B 61 -0.63 -1.27 -4.90
N GLN B 62 -1.43 -0.46 -4.20
CA GLN B 62 -2.84 -0.79 -4.01
C GLN B 62 -3.56 -1.03 -5.33
N VAL B 63 -3.56 -0.02 -6.22
CA VAL B 63 -4.40 -0.06 -7.42
C VAL B 63 -3.94 -1.16 -8.40
N GLY B 64 -2.63 -1.40 -8.50
CA GLY B 64 -2.12 -2.35 -9.51
C GLY B 64 -0.63 -2.31 -9.83
N GLN B 65 -0.29 -2.17 -11.11
CA GLN B 65 1.07 -2.37 -11.54
C GLN B 65 1.96 -1.15 -11.24
N PRO B 66 3.27 -1.31 -11.31
CA PRO B 66 4.16 -0.19 -10.99
C PRO B 66 4.12 0.90 -12.07
N MET B 67 4.41 2.12 -11.64
CA MET B 67 4.64 3.21 -12.59
C MET B 67 5.97 3.03 -13.31
N HIS B 68 6.06 3.57 -14.52
CA HIS B 68 7.29 3.47 -15.32
C HIS B 68 7.40 4.71 -16.19
N ILE B 69 8.42 5.51 -15.92
CA ILE B 69 8.56 6.77 -16.61
C ILE B 69 9.89 6.76 -17.36
N ILE B 70 10.00 7.67 -18.31
CA ILE B 70 11.20 7.88 -19.08
C ILE B 70 11.71 9.28 -18.72
N ILE B 71 12.97 9.40 -18.30
CA ILE B 71 13.56 10.71 -18.07
C ILE B 71 13.69 11.43 -19.42
N GLY B 72 12.91 12.49 -19.59
CA GLY B 72 12.91 13.22 -20.84
C GLY B 72 14.23 13.92 -21.10
N ASN B 73 14.80 14.55 -20.08
CA ASN B 73 16.06 15.26 -20.25
C ASN B 73 16.81 15.30 -18.92
N MET B 74 17.91 14.53 -18.82
CA MET B 74 18.72 14.52 -17.60
C MET B 74 19.18 15.91 -17.20
N PHE B 75 19.31 16.84 -18.15
CA PHE B 75 19.73 18.22 -17.87
C PHE B 75 18.58 19.14 -17.49
N LYS B 76 17.34 18.65 -17.54
CA LYS B 76 16.19 19.47 -17.15
C LYS B 76 15.16 18.50 -16.58
N LEU B 77 15.23 18.31 -15.27
CA LEU B 77 14.48 17.24 -14.61
C LEU B 77 13.10 17.76 -14.16
N GLU B 78 12.07 16.92 -14.34
CA GLU B 78 10.80 17.15 -13.64
C GLU B 78 10.94 16.91 -12.13
N VAL B 79 10.00 17.48 -11.39
CA VAL B 79 10.02 17.43 -9.94
C VAL B 79 10.11 15.99 -9.45
N TRP B 80 9.33 15.09 -10.03
CA TRP B 80 9.39 13.68 -9.62
C TRP B 80 10.67 12.99 -10.07
N GLU B 81 11.29 13.45 -11.16
CA GLU B 81 12.57 12.86 -11.54
C GLU B 81 13.65 13.31 -10.56
N ILE B 82 13.56 14.55 -10.05
CA ILE B 82 14.51 15.00 -9.03
C ILE B 82 14.51 13.99 -7.90
N LEU B 83 13.32 13.50 -7.51
CA LEU B 83 13.26 12.49 -6.47
C LEU B 83 13.83 11.18 -6.95
N LEU B 84 13.36 10.68 -8.09
CA LEU B 84 13.74 9.33 -8.49
C LEU B 84 15.25 9.21 -8.65
N THR B 85 15.88 10.20 -9.29
CA THR B 85 17.32 10.16 -9.59
C THR B 85 18.17 10.27 -8.34
N SER B 86 17.59 10.49 -7.16
CA SER B 86 18.34 10.42 -5.91
C SER B 86 18.43 9.02 -5.31
N MET B 87 17.81 8.00 -5.93
CA MET B 87 17.58 6.70 -5.32
C MET B 87 18.35 5.57 -6.00
N ARG B 88 18.58 4.53 -5.23
CA ARG B 88 19.13 3.28 -5.74
C ARG B 88 18.03 2.25 -5.93
N VAL B 89 18.30 1.27 -6.79
CA VAL B 89 17.37 0.15 -6.94
C VAL B 89 17.06 -0.53 -5.62
N HIS B 90 15.79 -0.84 -5.40
CA HIS B 90 15.23 -1.38 -4.16
C HIS B 90 15.14 -0.37 -3.04
N GLU B 91 15.66 0.84 -3.21
CA GLU B 91 15.52 1.82 -2.15
C GLU B 91 14.04 2.16 -1.94
N VAL B 92 13.68 2.37 -0.67
CA VAL B 92 12.38 2.90 -0.29
C VAL B 92 12.68 4.18 0.47
N ALA B 93 12.17 5.29 -0.04
CA ALA B 93 12.48 6.54 0.63
C ALA B 93 11.21 7.34 0.73
N GLU B 94 11.17 8.15 1.76
CA GLU B 94 10.06 9.05 1.99
C GLU B 94 10.53 10.48 1.74
N PHE B 95 9.78 11.20 0.92
CA PHE B 95 10.09 12.60 0.55
C PHE B 95 8.96 13.49 1.00
N TRP B 96 9.23 14.32 2.00
CA TRP B 96 8.30 15.33 2.45
C TRP B 96 8.47 16.55 1.55
N CYS B 97 7.35 17.10 1.06
CA CYS B 97 7.43 18.21 0.12
C CYS B 97 6.55 19.36 0.55
N ASP B 98 7.12 20.55 0.67
CA ASP B 98 6.34 21.70 1.11
C ASP B 98 5.33 22.12 0.05
N THR B 99 4.37 22.95 0.50
CA THR B 99 3.29 23.44 -0.35
C THR B 99 3.78 24.03 -1.65
N ILE B 100 4.96 24.60 -1.65
CA ILE B 100 5.42 25.20 -2.89
C ILE B 100 5.63 24.13 -3.95
N HIS B 101 6.00 22.91 -3.55
CA HIS B 101 6.21 21.89 -4.57
C HIS B 101 4.95 21.11 -4.98
N THR B 102 3.83 21.20 -4.28
CA THR B 102 2.76 20.24 -4.44
C THR B 102 1.52 20.76 -5.15
N GLY B 103 1.48 22.03 -5.58
CA GLY B 103 0.29 22.53 -6.23
C GLY B 103 -0.05 21.78 -7.49
N VAL B 104 0.96 21.25 -8.17
CA VAL B 104 0.73 20.44 -9.37
C VAL B 104 0.21 19.05 -9.05
N TYR B 105 0.26 18.61 -7.80
CA TYR B 105 -0.02 17.19 -7.58
C TYR B 105 -1.46 16.82 -7.95
N PRO B 106 -2.48 17.64 -7.67
CA PRO B 106 -3.85 17.19 -8.02
C PRO B 106 -4.08 16.90 -9.52
N ILE B 107 -3.61 17.80 -10.40
CA ILE B 107 -3.74 17.61 -11.85
C ILE B 107 -2.88 16.45 -12.31
N LEU B 108 -1.67 16.33 -11.74
CA LEU B 108 -0.84 15.17 -12.00
C LEU B 108 -1.54 13.85 -11.64
N SER B 109 -2.16 13.78 -10.43
CA SER B 109 -2.89 12.57 -10.04
C SER B 109 -4.11 12.35 -10.92
N ARG B 110 -4.82 13.42 -11.25
CA ARG B 110 -5.99 13.25 -12.11
C ARG B 110 -5.57 12.50 -13.36
N SER B 111 -4.45 12.92 -13.96
CA SER B 111 -4.07 12.34 -15.25
C SER B 111 -3.59 10.89 -15.10
N LEU B 112 -2.85 10.57 -14.03
CA LEU B 112 -2.55 9.19 -13.72
C LEU B 112 -3.83 8.37 -13.56
N ARG B 113 -4.77 8.89 -12.81
CA ARG B 113 -5.96 8.09 -12.52
C ARG B 113 -6.76 7.84 -13.78
N GLN B 114 -6.68 8.77 -14.75
CA GLN B 114 -7.38 8.60 -16.02
C GLN B 114 -6.68 7.59 -16.91
N MET B 115 -5.36 7.62 -16.92
CA MET B 115 -4.61 6.63 -17.69
C MET B 115 -4.77 5.22 -17.11
N ALA B 116 -4.76 5.09 -15.79
CA ALA B 116 -5.17 3.82 -15.17
C ALA B 116 -6.50 3.33 -15.74
N GLN B 117 -7.45 4.21 -15.87
CA GLN B 117 -8.73 3.84 -16.48
C GLN B 117 -8.66 3.62 -18.02
N GLY B 118 -7.49 3.57 -18.65
CA GLY B 118 -7.43 3.38 -20.09
C GLY B 118 -7.76 4.60 -20.94
N LYS B 119 -7.90 5.78 -20.33
CA LYS B 119 -8.32 6.98 -21.03
C LYS B 119 -7.08 7.85 -21.29
N ASP B 120 -7.05 8.51 -22.43
CA ASP B 120 -5.92 9.37 -22.79
C ASP B 120 -6.23 10.79 -22.38
N PRO B 121 -5.74 11.27 -21.22
CA PRO B 121 -6.13 12.62 -20.77
C PRO B 121 -5.77 13.69 -21.76
N THR B 122 -4.94 13.38 -22.76
CA THR B 122 -4.50 14.34 -23.76
C THR B 122 -5.33 14.30 -25.03
N GLU B 123 -6.14 13.25 -25.22
CA GLU B 123 -7.05 13.18 -26.36
C GLU B 123 -8.13 14.26 -26.24
N TRP B 124 -8.57 14.77 -27.39
CA TRP B 124 -9.33 16.01 -27.43
C TRP B 124 -10.71 15.88 -26.73
N HIS B 125 -11.37 14.73 -26.86
CA HIS B 125 -12.67 14.56 -26.20
C HIS B 125 -12.52 14.47 -24.68
N VAL B 126 -11.47 13.80 -24.23
CA VAL B 126 -11.17 13.73 -22.81
C VAL B 126 -10.78 15.11 -22.29
N HIS B 127 -9.92 15.78 -23.06
CA HIS B 127 -9.37 17.02 -22.56
C HIS B 127 -10.46 18.07 -22.59
N THR B 128 -11.31 18.01 -23.58
CA THR B 128 -12.43 18.92 -23.65
C THR B 128 -13.36 18.73 -22.45
N CYS B 129 -13.73 17.47 -22.18
CA CYS B 129 -14.57 17.14 -21.00
C CYS B 129 -13.90 17.56 -19.70
N GLY B 130 -12.58 17.36 -19.58
CA GLY B 130 -11.89 17.88 -18.42
C GLY B 130 -12.02 19.38 -18.25
N LEU B 131 -11.72 20.14 -19.30
CA LEU B 131 -11.81 21.59 -19.22
C LEU B 131 -13.23 22.06 -18.98
N ALA B 132 -14.20 21.49 -19.69
CA ALA B 132 -15.58 21.88 -19.48
C ALA B 132 -15.99 21.64 -18.03
N ASN B 133 -15.73 20.44 -17.49
CA ASN B 133 -16.18 20.20 -16.13
C ASN B 133 -15.47 21.10 -15.13
N MET B 134 -14.20 21.44 -15.37
CA MET B 134 -13.47 22.31 -14.45
C MET B 134 -14.07 23.71 -14.41
N PHE B 135 -14.49 24.25 -15.57
CA PHE B 135 -15.13 25.56 -15.60
C PHE B 135 -16.55 25.51 -15.03
N ALA B 136 -17.35 24.54 -15.48
CA ALA B 136 -18.72 24.41 -15.02
C ALA B 136 -18.79 24.17 -13.52
N TYR B 137 -17.94 23.27 -13.00
CA TYR B 137 -18.11 22.70 -11.67
C TYR B 137 -16.89 22.85 -10.76
N HIS B 138 -15.77 23.37 -11.25
CA HIS B 138 -14.56 23.63 -10.43
C HIS B 138 -14.02 22.33 -9.85
N THR B 139 -13.91 21.30 -10.71
CA THR B 139 -13.62 19.94 -10.24
C THR B 139 -12.65 19.24 -11.20
N LEU B 140 -11.84 18.35 -10.63
CA LEU B 140 -10.97 17.47 -11.41
C LEU B 140 -11.56 16.09 -11.60
N GLY B 141 -12.74 15.84 -11.05
CA GLY B 141 -13.36 14.54 -11.13
C GLY B 141 -13.23 13.72 -9.87
N TYR B 142 -12.65 14.27 -8.82
CA TYR B 142 -12.18 13.48 -7.67
C TYR B 142 -12.27 14.36 -6.43
N GLU B 143 -13.06 13.90 -5.47
CA GLU B 143 -13.28 14.66 -4.25
C GLU B 143 -11.97 14.91 -3.52
N ASP B 144 -11.14 13.88 -3.35
CA ASP B 144 -9.89 14.12 -2.63
C ASP B 144 -8.97 15.05 -3.40
N LEU B 145 -8.85 14.88 -4.68
CA LEU B 145 -7.99 15.81 -5.36
C LEU B 145 -8.59 17.22 -5.35
N ASP B 146 -9.91 17.33 -5.41
CA ASP B 146 -10.55 18.62 -5.31
C ASP B 146 -10.25 19.24 -3.96
N GLU B 147 -10.42 18.45 -2.89
CA GLU B 147 -10.14 18.95 -1.56
C GLU B 147 -8.68 19.28 -1.42
N LEU B 148 -7.80 18.54 -2.09
CA LEU B 148 -6.38 18.85 -2.03
C LEU B 148 -6.06 20.16 -2.76
N GLN B 149 -6.69 20.40 -3.90
CA GLN B 149 -6.39 21.61 -4.63
C GLN B 149 -6.97 22.82 -3.90
N LYS B 150 -8.11 22.66 -3.21
CA LYS B 150 -8.70 23.77 -2.49
C LYS B 150 -7.94 24.14 -1.22
N GLU B 151 -7.12 23.23 -0.70
CA GLU B 151 -6.35 23.48 0.52
C GLU B 151 -4.90 23.09 0.21
N PRO B 152 -4.13 24.01 -0.34
CA PRO B 152 -2.71 23.69 -0.55
C PRO B 152 -2.07 23.29 0.78
N GLN B 153 -1.11 22.35 0.70
CA GLN B 153 -0.50 21.83 1.90
C GLN B 153 0.69 20.95 1.55
N PRO B 154 1.51 20.60 2.51
CA PRO B 154 2.59 19.66 2.22
C PRO B 154 2.04 18.27 1.91
N LEU B 155 2.83 17.52 1.19
CA LEU B 155 2.60 16.11 0.97
C LEU B 155 3.86 15.31 1.29
N VAL B 156 3.67 14.04 1.64
CA VAL B 156 4.74 13.07 1.74
C VAL B 156 4.54 12.09 0.62
N PHE B 157 5.62 11.76 -0.07
CA PHE B 157 5.62 10.73 -1.08
C PHE B 157 6.57 9.63 -0.61
N VAL B 158 6.08 8.39 -0.58
CA VAL B 158 6.96 7.24 -0.38
C VAL B 158 7.11 6.54 -1.70
N ILE B 159 8.35 6.39 -2.12
CA ILE B 159 8.68 5.85 -3.41
C ILE B 159 9.56 4.65 -3.20
N GLU B 160 9.32 3.61 -3.98
CA GLU B 160 10.18 2.44 -3.96
C GLU B 160 10.68 2.21 -5.36
N LEU B 161 11.97 2.39 -5.58
CA LEU B 161 12.56 2.23 -6.89
C LEU B 161 12.85 0.74 -7.14
N LEU B 162 12.32 0.21 -8.24
CA LEU B 162 12.43 -1.21 -8.53
C LEU B 162 13.40 -1.54 -9.66
N GLN B 163 13.59 -0.66 -10.62
CA GLN B 163 14.38 -1.00 -11.81
C GLN B 163 14.63 0.19 -12.74
N VAL B 164 15.84 0.33 -13.28
CA VAL B 164 16.13 1.33 -14.29
C VAL B 164 16.69 0.64 -15.54
N ASP B 165 16.07 0.89 -16.68
CA ASP B 165 16.44 0.31 -17.96
C ASP B 165 17.16 1.35 -18.81
N ALA B 166 18.27 0.96 -19.39
CA ALA B 166 18.88 1.80 -20.39
C ALA B 166 17.87 2.04 -21.53
N PRO B 167 18.07 3.12 -22.32
CA PRO B 167 17.21 3.43 -23.48
C PRO B 167 17.31 2.43 -24.62
#